data_4MHG
#
_entry.id   4MHG
#
_cell.length_a   57.582
_cell.length_b   57.582
_cell.length_c   130.481
_cell.angle_alpha   90.00
_cell.angle_beta   90.00
_cell.angle_gamma   120.00
#
_symmetry.space_group_name_H-M   'P 31 2 1'
#
loop_
_entity.id
_entity.type
_entity.pdbx_description
1 polymer 'Specific 14 bp DNA'
2 polymer 'Complementary Specific 14 bp DNA'
3 polymer 'Transcription factor ETV6'
4 water water
#
loop_
_entity_poly.entity_id
_entity_poly.type
_entity_poly.pdbx_seq_one_letter_code
_entity_poly.pdbx_strand_id
1 'polydeoxyribonucleotide' (DA)(DA)(DC)(DC)(DC)(DG)(DG)(DA)(DA)(DG)(DT)(DG)(DA)(DG) B
2 'polydeoxyribonucleotide' (DT)(DC)(DT)(DC)(DA)(DC)(DT)(DT)(DC)(DC)(DG)(DG)(DG)(DT) C
3 'polypeptide(L)'
;GSHMGRIADSRLLWDYVYQLLSDSRYENFIRWEDKESKIFRIVDPNGLARLWGNHKNRTNMTYEKMSRALRHYYKLNIIR
KEPGQRLLFRFMKTPDEIMSGR
;
A
#
loop_
_chem_comp.id
_chem_comp.type
_chem_comp.name
_chem_comp.formula
DA DNA linking 2'-DEOXYADENOSINE-5'-MONOPHOSPHATE 'C10 H14 N5 O6 P'
DC DNA linking 2'-DEOXYCYTIDINE-5'-MONOPHOSPHATE 'C9 H14 N3 O7 P'
DG DNA linking 2'-DEOXYGUANOSINE-5'-MONOPHOSPHATE 'C10 H14 N5 O7 P'
DT DNA linking THYMIDINE-5'-MONOPHOSPHATE 'C10 H15 N2 O8 P'
#
# COMPACT_ATOMS: atom_id res chain seq x y z
N ARG C 11 1.13 -13.38 4.95
CA ARG C 11 1.73 -12.07 5.16
C ARG C 11 0.74 -10.97 4.71
N LEU C 12 0.63 -9.93 5.53
CA LEU C 12 -0.48 -8.99 5.45
C LEU C 12 -0.22 -7.82 4.49
N LEU C 13 -1.27 -7.32 3.85
CA LEU C 13 -1.12 -6.23 2.87
C LEU C 13 -0.46 -5.02 3.49
N TRP C 14 -0.90 -4.63 4.68
CA TRP C 14 -0.39 -3.40 5.27
C TRP C 14 1.09 -3.54 5.60
N ASP C 15 1.49 -4.74 5.98
CA ASP C 15 2.89 -4.99 6.30
C ASP C 15 3.73 -4.94 5.02
N TYR C 16 3.24 -5.58 3.96
CA TYR C 16 3.94 -5.59 2.68
C TYR C 16 4.07 -4.17 2.15
N VAL C 17 3.01 -3.37 2.28
CA VAL C 17 3.07 -2.00 1.81
C VAL C 17 4.14 -1.20 2.57
N TYR C 18 4.17 -1.36 3.89
CA TYR C 18 5.17 -0.68 4.69
C TYR C 18 6.58 -1.14 4.29
N GLN C 19 6.71 -2.42 3.99
N GLN C 19 6.73 -2.42 4.01
CA GLN C 19 7.99 -2.99 3.62
CA GLN C 19 8.04 -2.96 3.64
C GLN C 19 8.54 -2.35 2.34
C GLN C 19 8.55 -2.32 2.34
N LEU C 20 7.69 -2.24 1.32
CA LEU C 20 8.08 -1.63 0.04
C LEU C 20 8.42 -0.15 0.21
N LEU C 21 7.68 0.53 1.10
CA LEU C 21 7.89 1.94 1.37
C LEU C 21 9.21 2.17 2.09
N SER C 22 9.69 1.15 2.81
CA SER C 22 10.91 1.27 3.59
C SER C 22 12.15 0.99 2.76
N ASP C 23 11.96 0.59 1.51
CA ASP C 23 13.07 0.17 0.62
C ASP C 23 13.03 0.97 -0.67
N SER C 24 13.95 1.93 -0.81
CA SER C 24 13.96 2.82 -1.98
C SER C 24 14.18 2.08 -3.31
N ARG C 25 14.47 0.79 -3.25
CA ARG C 25 14.54 0.00 -4.47
C ARG C 25 13.16 -0.03 -5.15
N TYR C 26 12.09 0.12 -4.37
CA TYR C 26 10.75 -0.04 -4.93
C TYR C 26 10.04 1.27 -5.23
N GLU C 27 10.82 2.34 -5.32
N GLU C 27 10.82 2.35 -5.31
CA GLU C 27 10.25 3.69 -5.47
CA GLU C 27 10.28 3.69 -5.48
C GLU C 27 9.53 3.93 -6.80
C GLU C 27 9.53 3.92 -6.78
N ASN C 28 9.79 3.07 -7.78
CA ASN C 28 9.09 3.18 -9.06
C ASN C 28 7.74 2.50 -8.99
N PHE C 29 7.48 1.82 -7.86
CA PHE C 29 6.19 1.17 -7.63
C PHE C 29 5.37 1.94 -6.61
N ILE C 30 6.04 2.41 -5.56
CA ILE C 30 5.34 3.04 -4.43
C ILE C 30 6.36 3.82 -3.60
N ARG C 31 5.95 4.97 -3.07
CA ARG C 31 6.88 5.77 -2.30
C ARG C 31 6.16 6.73 -1.37
N TRP C 32 6.92 7.28 -0.41
CA TRP C 32 6.35 8.29 0.47
C TRP C 32 6.21 9.59 -0.30
N GLU C 33 5.06 10.24 -0.15
CA GLU C 33 4.86 11.57 -0.70
C GLU C 33 5.29 12.56 0.38
N ASP C 34 4.77 12.35 1.58
CA ASP C 34 5.08 13.15 2.75
C ASP C 34 5.10 12.14 3.88
N LYS C 35 6.30 11.70 4.27
CA LYS C 35 6.39 10.59 5.21
C LYS C 35 6.20 11.04 6.64
N GLU C 36 6.28 12.35 6.86
CA GLU C 36 5.95 12.91 8.16
C GLU C 36 4.46 12.71 8.45
N SER C 37 3.65 12.81 7.40
CA SER C 37 2.20 12.64 7.50
C SER C 37 1.77 11.23 7.11
N LYS C 38 2.76 10.39 6.78
CA LYS C 38 2.53 9.00 6.34
C LYS C 38 1.67 8.92 5.08
N ILE C 39 1.79 9.92 4.21
CA ILE C 39 1.11 9.92 2.92
C ILE C 39 1.99 9.25 1.89
N PHE C 40 1.42 8.30 1.16
CA PHE C 40 2.17 7.58 0.14
C PHE C 40 1.48 7.60 -1.21
N ARG C 41 2.30 7.45 -2.26
CA ARG C 41 1.81 7.44 -3.64
C ARG C 41 2.03 6.07 -4.24
N ILE C 42 0.99 5.52 -4.87
CA ILE C 42 1.18 4.33 -5.68
C ILE C 42 1.55 4.85 -7.06
N VAL C 43 2.80 4.59 -7.45
CA VAL C 43 3.37 5.11 -8.68
C VAL C 43 2.95 4.24 -9.86
N ASP C 44 2.98 2.93 -9.64
CA ASP C 44 2.68 1.95 -10.68
C ASP C 44 1.68 0.93 -10.15
N PRO C 45 0.39 1.29 -10.19
CA PRO C 45 -0.67 0.48 -9.56
C PRO C 45 -0.70 -0.94 -10.12
N ASN C 46 -0.49 -1.09 -11.41
CA ASN C 46 -0.45 -2.41 -12.01
C ASN C 46 0.80 -3.18 -11.63
N GLY C 47 1.94 -2.49 -11.61
CA GLY C 47 3.18 -3.10 -11.15
C GLY C 47 3.06 -3.52 -9.69
N LEU C 48 2.44 -2.68 -8.87
CA LEU C 48 2.27 -2.97 -7.45
C LEU C 48 1.40 -4.21 -7.21
N ALA C 49 0.31 -4.33 -7.96
CA ALA C 49 -0.59 -5.47 -7.83
C ALA C 49 0.12 -6.75 -8.24
N ARG C 50 1.03 -6.62 -9.20
CA ARG C 50 1.75 -7.78 -9.69
C ARG C 50 2.73 -8.27 -8.64
N LEU C 51 3.41 -7.33 -7.97
CA LEU C 51 4.33 -7.67 -6.89
C LEU C 51 3.57 -8.32 -5.72
N TRP C 52 2.39 -7.80 -5.42
CA TRP C 52 1.59 -8.31 -4.32
C TRP C 52 1.07 -9.73 -4.60
N GLY C 53 0.58 -9.96 -5.81
CA GLY C 53 0.17 -11.30 -6.21
C GLY C 53 1.36 -12.25 -6.14
N ASN C 54 2.53 -11.75 -6.50
CA ASN C 54 3.76 -12.52 -6.40
CA ASN C 54 3.73 -12.54 -6.41
C ASN C 54 4.02 -12.88 -4.95
N HIS C 55 3.91 -11.87 -4.09
CA HIS C 55 4.18 -12.04 -2.67
C HIS C 55 3.29 -13.11 -2.05
N LYS C 56 2.04 -13.18 -2.51
CA LYS C 56 1.07 -14.15 -1.96
C LYS C 56 1.07 -15.44 -2.75
N ASN C 57 1.97 -15.55 -3.73
CA ASN C 57 2.05 -16.75 -4.57
C ASN C 57 0.76 -17.13 -5.26
N ARG C 58 0.09 -16.16 -5.87
CA ARG C 58 -1.15 -16.45 -6.55
C ARG C 58 -1.19 -15.70 -7.88
N THR C 59 -1.85 -16.31 -8.86
CA THR C 59 -1.99 -15.69 -10.16
C THR C 59 -3.19 -14.75 -10.21
N ASN C 60 -3.26 -13.95 -11.27
CA ASN C 60 -4.44 -13.14 -11.59
C ASN C 60 -4.77 -12.04 -10.58
N MET C 61 -3.77 -11.62 -9.81
CA MET C 61 -3.97 -10.45 -8.95
C MET C 61 -4.03 -9.20 -9.84
N THR C 62 -4.91 -8.26 -9.51
CA THR C 62 -5.01 -7.02 -10.28
C THR C 62 -5.08 -5.82 -9.35
N TYR C 63 -4.92 -4.64 -9.91
CA TYR C 63 -5.01 -3.44 -9.08
C TYR C 63 -6.44 -3.23 -8.60
N GLU C 64 -7.43 -3.56 -9.43
CA GLU C 64 -8.81 -3.48 -8.98
C GLU C 64 -9.01 -4.34 -7.73
N LYS C 65 -8.37 -5.52 -7.72
CA LYS C 65 -8.55 -6.42 -6.58
C LYS C 65 -7.74 -6.01 -5.36
N MET C 66 -6.49 -5.60 -5.57
CA MET C 66 -5.65 -5.16 -4.47
C MET C 66 -6.25 -3.93 -3.80
N SER C 67 -6.66 -2.95 -4.61
CA SER C 67 -7.25 -1.74 -4.05
C SER C 67 -8.51 -2.05 -3.25
N ARG C 68 -9.28 -3.06 -3.63
CA ARG C 68 -10.44 -3.43 -2.84
C ARG C 68 -9.98 -3.85 -1.47
N ALA C 69 -8.89 -4.59 -1.42
CA ALA C 69 -8.34 -4.99 -0.13
C ALA C 69 -7.90 -3.76 0.67
N LEU C 70 -7.37 -2.75 0.00
CA LEU C 70 -7.02 -1.52 0.69
C LEU C 70 -8.26 -0.82 1.24
N ARG C 71 -9.36 -0.84 0.49
CA ARG C 71 -10.59 -0.21 0.98
C ARG C 71 -11.12 -0.85 2.28
N HIS C 72 -10.91 -2.16 2.48
CA HIS C 72 -11.31 -2.76 3.76
C HIS C 72 -10.55 -2.07 4.90
N TYR C 73 -9.32 -1.64 4.64
CA TYR C 73 -8.51 -0.97 5.66
C TYR C 73 -9.09 0.39 6.06
N TYR C 74 -9.91 0.99 5.20
CA TYR C 74 -10.54 2.26 5.54
C TYR C 74 -11.39 2.06 6.78
N LYS C 75 -12.20 1.02 6.76
CA LYS C 75 -13.13 0.74 7.85
C LYS C 75 -12.41 0.34 9.13
N LEU C 76 -11.24 -0.26 8.97
CA LEU C 76 -10.41 -0.65 10.11
C LEU C 76 -9.56 0.53 10.60
N ASN C 77 -9.74 1.69 9.97
CA ASN C 77 -8.98 2.90 10.30
C ASN C 77 -7.47 2.70 10.22
N ILE C 78 -7.03 1.82 9.32
CA ILE C 78 -5.62 1.62 9.05
C ILE C 78 -5.13 2.57 7.95
N ILE C 79 -5.97 2.78 6.94
CA ILE C 79 -5.63 3.63 5.79
C ILE C 79 -6.78 4.59 5.42
N ARG C 80 -6.43 5.77 4.91
CA ARG C 80 -7.39 6.66 4.26
C ARG C 80 -6.94 7.04 2.88
N LYS C 81 -7.90 7.22 1.98
CA LYS C 81 -7.63 7.79 0.67
C LYS C 81 -7.47 9.29 0.83
N GLU C 82 -6.55 9.90 0.08
CA GLU C 82 -6.49 11.35 -0.04
C GLU C 82 -7.51 11.78 -1.10
N PRO C 83 -8.58 12.46 -0.69
CA PRO C 83 -9.68 12.77 -1.61
C PRO C 83 -9.29 13.65 -2.79
N GLY C 84 -9.69 13.23 -3.99
CA GLY C 84 -9.45 14.01 -5.19
C GLY C 84 -8.00 14.04 -5.64
N GLN C 85 -7.18 13.20 -5.02
CA GLN C 85 -5.78 13.05 -5.41
C GLN C 85 -5.53 11.61 -5.79
N ARG C 86 -5.53 11.35 -7.09
CA ARG C 86 -5.43 10.00 -7.61
C ARG C 86 -4.16 9.29 -7.11
N LEU C 87 -4.35 8.06 -6.63
CA LEU C 87 -3.26 7.16 -6.25
C LEU C 87 -2.48 7.65 -5.00
N LEU C 88 -3.13 8.52 -4.23
CA LEU C 88 -2.53 9.02 -3.00
C LEU C 88 -3.31 8.50 -1.80
N PHE C 89 -2.60 7.91 -0.83
CA PHE C 89 -3.24 7.35 0.35
C PHE C 89 -2.43 7.78 1.57
N ARG C 90 -2.92 7.49 2.75
CA ARG C 90 -2.11 7.67 3.95
C ARG C 90 -2.41 6.58 4.97
N PHE C 91 -1.39 6.19 5.72
CA PHE C 91 -1.56 5.31 6.86
C PHE C 91 -2.04 6.15 8.03
N MET C 92 -3.07 5.67 8.73
CA MET C 92 -3.55 6.32 9.94
C MET C 92 -2.86 5.70 11.16
N LYS C 93 -2.12 4.63 10.93
CA LYS C 93 -1.48 3.92 12.03
C LYS C 93 -0.09 3.43 11.68
N THR C 94 0.76 3.33 12.71
CA THR C 94 2.08 2.71 12.57
C THR C 94 1.89 1.20 12.68
N PRO C 95 2.90 0.42 12.26
CA PRO C 95 2.79 -1.04 12.41
C PRO C 95 2.51 -1.44 13.85
N ASP C 96 3.16 -0.78 14.81
CA ASP C 96 2.95 -1.06 16.21
C ASP C 96 1.49 -0.87 16.59
N GLU C 97 0.92 0.24 16.14
CA GLU C 97 -0.47 0.58 16.44
C GLU C 97 -1.44 -0.43 15.82
N ILE C 98 -1.18 -0.82 14.58
CA ILE C 98 -2.00 -1.82 13.91
C ILE C 98 -1.99 -3.13 14.70
N MET C 99 -0.82 -3.55 15.15
CA MET C 99 -0.71 -4.72 16.01
C MET C 99 -1.04 -4.37 17.45
N SER C 100 -2.33 -4.09 17.70
CA SER C 100 -2.81 -3.79 19.06
C SER C 100 -4.31 -4.07 19.18
#